data_6XA7
#
_entry.id   6XA7
#
_cell.length_a   78.047
_cell.length_b   60.765
_cell.length_c   96.017
_cell.angle_alpha   90.000
_cell.angle_beta   106.481
_cell.angle_gamma   90.000
#
_symmetry.space_group_name_H-M   'I 1 2 1'
#
loop_
_entity.id
_entity.type
_entity.pdbx_description
1 polymer 'Protein scribble homolog'
2 polymer 'Vang-like protein 2'
3 non-polymer 1,2-ETHANEDIOL
4 water water
#
loop_
_entity_poly.entity_id
_entity_poly.type
_entity_poly.pdbx_seq_one_letter_code
_entity_poly.pdbx_strand_id
1 'polypeptide(L)'
;GPLGSRHVACLARSERGLGFSIAGGKGSTPYRAGDAGIFVSRIAEGGAAHRAGTLQVGDRVLSINGVDVTEARHDHAVSL
LTAASPTIALLLEREA
;
A,B,C,D
2 'polypeptide(L)' RLQSETSV E,F,G,H
#
loop_
_chem_comp.id
_chem_comp.type
_chem_comp.name
_chem_comp.formula
EDO non-polymer 1,2-ETHANEDIOL 'C2 H6 O2'
#
# COMPACT_ATOMS: atom_id res chain seq x y z
N PRO A 2 -0.80 26.07 10.06
CA PRO A 2 -0.70 25.62 11.43
C PRO A 2 -1.44 24.29 11.57
N LEU A 3 -0.95 23.28 10.86
CA LEU A 3 -1.36 21.90 11.08
C LEU A 3 -0.34 21.04 10.34
N GLY A 4 -0.60 19.74 10.29
CA GLY A 4 0.39 18.79 9.84
C GLY A 4 0.82 19.00 8.41
N SER A 5 1.79 18.19 7.95
CA SER A 5 2.30 18.18 6.59
C SER A 5 2.36 16.76 6.04
N ARG A 6 2.36 16.65 4.71
CA ARG A 6 1.93 15.46 4.01
C ARG A 6 3.05 14.84 3.19
N HIS A 7 2.97 13.51 3.06
CA HIS A 7 3.99 12.71 2.39
C HIS A 7 3.29 11.54 1.70
N VAL A 8 4.05 10.84 0.86
CA VAL A 8 3.58 9.63 0.18
C VAL A 8 4.53 8.48 0.50
N ALA A 9 3.95 7.31 0.81
CA ALA A 9 4.72 6.09 0.99
C ALA A 9 4.32 5.10 -0.09
N CYS A 10 5.31 4.63 -0.85
CA CYS A 10 5.09 3.67 -1.91
C CYS A 10 5.79 2.37 -1.53
N LEU A 11 5.02 1.37 -1.17
CA LEU A 11 5.56 0.15 -0.59
C LEU A 11 5.24 -1.06 -1.47
N ALA A 12 6.25 -1.92 -1.63
CA ALA A 12 6.09 -3.20 -2.30
C ALA A 12 5.84 -4.30 -1.27
N ARG A 13 4.88 -5.18 -1.56
CA ARG A 13 4.55 -6.26 -0.65
C ARG A 13 5.63 -7.33 -0.70
N SER A 14 6.03 -7.81 0.47
CA SER A 14 6.90 -8.97 0.61
C SER A 14 6.06 -10.16 1.09
N GLU A 15 6.71 -11.14 1.74
CA GLU A 15 6.06 -12.31 2.35
C GLU A 15 5.77 -11.97 3.82
N GLY A 17 4.82 -8.97 4.71
CA GLY A 17 3.87 -7.90 4.41
C GLY A 17 4.53 -6.54 4.21
N LEU A 18 3.82 -5.45 4.52
CA LEU A 18 4.38 -4.12 4.34
C LEU A 18 5.29 -3.74 5.50
N GLY A 19 5.23 -4.47 6.60
CA GLY A 19 6.13 -4.23 7.72
C GLY A 19 5.74 -3.08 8.62
N PHE A 20 4.46 -2.96 8.97
CA PHE A 20 4.02 -1.88 9.82
C PHE A 20 2.61 -2.25 10.28
N SER A 21 2.20 -1.61 11.38
CA SER A 21 0.92 -1.85 12.00
C SER A 21 0.10 -0.57 12.03
N ILE A 22 -1.23 -0.74 12.06
CA ILE A 22 -2.14 0.39 12.20
C ILE A 22 -3.02 0.19 13.43
N ALA A 23 -3.51 1.30 13.96
CA ALA A 23 -4.41 1.30 15.09
C ALA A 23 -5.43 2.43 14.92
N GLY A 24 -6.55 2.30 15.62
CA GLY A 24 -7.60 3.30 15.56
C GLY A 24 -8.59 3.05 14.44
N GLY A 25 -9.31 4.11 14.09
CA GLY A 25 -10.36 4.03 13.10
C GLY A 25 -11.68 3.71 13.77
N LYS A 26 -12.74 3.66 12.95
CA LYS A 26 -14.08 3.53 13.49
C LYS A 26 -14.39 2.13 13.99
N GLY A 27 -13.73 1.09 13.49
CA GLY A 27 -14.00 -0.27 13.89
C GLY A 27 -13.24 -0.77 15.10
N SER A 28 -12.45 0.10 15.73
CA SER A 28 -11.49 -0.32 16.74
C SER A 28 -11.29 0.80 17.76
N THR A 29 -10.37 0.55 18.68
CA THR A 29 -10.10 1.46 19.79
C THR A 29 -9.17 2.59 19.34
N PRO A 30 -9.48 3.85 19.65
CA PRO A 30 -8.63 4.95 19.16
C PRO A 30 -7.15 4.78 19.46
N TYR A 31 -6.33 5.53 18.72
CA TYR A 31 -4.88 5.61 18.94
C TYR A 31 -4.50 6.86 19.71
N ARG A 32 -5.30 7.91 19.62
CA ARG A 32 -5.01 9.17 20.28
C ARG A 32 -6.24 9.65 21.03
N ALA A 33 -6.00 10.33 22.14
CA ALA A 33 -7.06 10.95 22.91
C ALA A 33 -7.90 11.83 21.99
N GLY A 34 -9.12 11.38 21.69
CA GLY A 34 -10.00 12.14 20.82
C GLY A 34 -9.58 12.15 19.37
N ASP A 35 -9.39 10.97 18.78
CA ASP A 35 -9.08 10.86 17.36
C ASP A 35 -9.39 9.44 16.89
N ALA A 36 -10.47 9.28 16.13
CA ALA A 36 -10.83 8.00 15.54
C ALA A 36 -10.11 7.73 14.21
N GLY A 37 -9.09 8.51 13.86
CA GLY A 37 -8.34 8.26 12.65
C GLY A 37 -7.54 6.96 12.68
N ILE A 38 -7.00 6.60 11.52
CA ILE A 38 -6.15 5.43 11.36
C ILE A 38 -4.70 5.89 11.40
N PHE A 39 -3.96 5.42 12.39
CA PHE A 39 -2.57 5.84 12.62
C PHE A 39 -1.65 4.64 12.53
N VAL A 40 -0.37 4.93 12.29
CA VAL A 40 0.68 3.91 12.22
C VAL A 40 1.14 3.63 13.65
N SER A 41 0.86 2.42 14.15
CA SER A 41 1.17 2.09 15.54
C SER A 41 2.62 1.64 15.71
N ARG A 42 3.21 1.07 14.67
CA ARG A 42 4.58 0.59 14.78
C ARG A 42 5.07 0.14 13.41
N ILE A 43 6.38 0.10 13.31
CA ILE A 43 7.08 -0.26 12.09
C ILE A 43 8.00 -1.44 12.41
N ALA A 44 7.89 -2.48 11.60
CA ALA A 44 8.69 -3.68 11.79
C ALA A 44 10.15 -3.42 11.41
N GLU A 45 11.05 -3.59 12.39
CA GLU A 45 12.48 -3.46 12.13
C GLU A 45 12.85 -4.45 11.04
N GLY A 46 13.51 -3.97 9.99
CA GLY A 46 13.93 -4.82 8.90
C GLY A 46 12.88 -5.08 7.81
N GLY A 47 11.66 -4.60 7.97
CA GLY A 47 10.63 -4.86 6.98
C GLY A 47 10.62 -3.91 5.78
N ALA A 48 9.60 -4.09 4.94
CA ALA A 48 9.48 -3.28 3.74
C ALA A 48 9.42 -1.81 4.07
N ALA A 49 8.63 -1.46 5.08
CA ALA A 49 8.39 -0.05 5.38
C ALA A 49 9.60 0.58 6.01
N HIS A 50 10.25 -0.12 6.95
CA HIS A 50 11.46 0.44 7.57
C HIS A 50 12.55 0.64 6.53
N ARG A 51 12.69 -0.33 5.60
CA ARG A 51 13.66 -0.19 4.54
C ARG A 51 13.37 1.01 3.64
N ALA A 52 12.10 1.40 3.50
CA ALA A 52 11.81 2.61 2.72
C ALA A 52 11.98 3.90 3.52
N GLY A 53 12.01 3.85 4.84
CA GLY A 53 12.19 5.06 5.62
C GLY A 53 11.18 6.17 5.33
N THR A 54 10.03 5.82 4.78
CA THR A 54 9.01 6.82 4.45
C THR A 54 7.94 6.97 5.52
N LEU A 55 7.65 5.91 6.26
CA LEU A 55 6.63 5.99 7.30
C LEU A 55 7.29 6.41 8.61
N GLN A 56 6.46 6.53 9.64
CA GLN A 56 6.86 7.05 10.94
C GLN A 56 5.73 6.73 11.91
N VAL A 57 6.08 6.22 13.10
CA VAL A 57 5.05 5.92 14.08
C VAL A 57 4.34 7.21 14.40
N GLY A 58 3.01 7.19 14.32
CA GLY A 58 2.20 8.36 14.58
C GLY A 58 1.64 9.06 13.36
N ASP A 59 2.04 8.66 12.15
CA ASP A 59 1.46 9.26 10.95
C ASP A 59 -0.03 8.92 10.87
N ARG A 60 -0.85 9.92 10.54
CA ARG A 60 -2.23 9.65 10.16
C ARG A 60 -2.28 9.14 8.73
N VAL A 61 -3.06 8.10 8.49
CA VAL A 61 -3.26 7.56 7.15
C VAL A 61 -4.52 8.20 6.59
N LEU A 62 -4.39 8.87 5.47
CA LEU A 62 -5.52 9.57 4.87
C LEU A 62 -6.08 8.85 3.66
N SER A 63 -5.22 8.09 2.97
CA SER A 63 -5.55 7.52 1.67
C SER A 63 -4.70 6.28 1.46
N ILE A 64 -5.33 5.24 0.94
CA ILE A 64 -4.70 3.95 0.65
C ILE A 64 -5.03 3.63 -0.81
N ASN A 65 -4.08 3.85 -1.71
CA ASN A 65 -4.27 3.54 -3.13
C ASN A 65 -5.48 4.29 -3.67
N GLY A 66 -5.65 5.53 -3.22
CA GLY A 66 -6.68 6.39 -3.74
C GLY A 66 -7.94 6.38 -2.93
N VAL A 67 -8.04 5.53 -1.91
CA VAL A 67 -9.26 5.39 -1.12
C VAL A 67 -9.09 6.21 0.15
N ASP A 68 -10.03 7.12 0.37
CA ASP A 68 -9.98 8.05 1.49
C ASP A 68 -10.43 7.31 2.74
N VAL A 69 -9.51 7.11 3.68
CA VAL A 69 -9.77 6.31 4.89
C VAL A 69 -9.71 7.18 6.15
N THR A 70 -9.89 8.49 6.01
CA THR A 70 -9.93 9.36 7.18
C THR A 70 -11.11 9.02 8.08
N GLU A 71 -12.13 8.33 7.56
CA GLU A 71 -13.32 7.97 8.30
C GLU A 71 -13.64 6.48 8.22
N ALA A 72 -12.79 5.70 7.58
CA ALA A 72 -13.11 4.30 7.36
C ALA A 72 -12.94 3.51 8.66
N ARG A 73 -13.65 2.39 8.73
CA ARG A 73 -13.50 1.48 9.84
C ARG A 73 -12.10 0.92 9.87
N HIS A 74 -11.68 0.46 11.05
CA HIS A 74 -10.34 -0.10 11.18
C HIS A 74 -10.12 -1.25 10.22
N ASP A 75 -11.05 -2.21 10.18
CA ASP A 75 -10.83 -3.44 9.42
C ASP A 75 -11.08 -3.27 7.93
N HIS A 76 -11.75 -2.19 7.52
CA HIS A 76 -11.82 -1.82 6.11
C HIS A 76 -10.44 -1.44 5.57
N ALA A 77 -9.73 -0.54 6.26
CA ALA A 77 -8.36 -0.23 5.84
C ALA A 77 -7.47 -1.46 5.93
N VAL A 78 -7.69 -2.30 6.95
CA VAL A 78 -6.94 -3.54 7.05
C VAL A 78 -7.13 -4.36 5.78
N SER A 79 -8.37 -4.45 5.30
CA SER A 79 -8.60 -5.07 4.00
C SER A 79 -7.86 -4.35 2.87
N LEU A 80 -7.85 -3.02 2.89
CA LEU A 80 -7.21 -2.30 1.79
C LEU A 80 -5.70 -2.50 1.80
N LEU A 81 -5.12 -2.62 3.00
CA LEU A 81 -3.68 -2.75 3.10
C LEU A 81 -3.16 -4.13 2.73
N THR A 82 -4.00 -5.15 2.74
CA THR A 82 -3.56 -6.51 2.46
C THR A 82 -4.12 -7.08 1.16
N ALA A 83 -4.89 -6.28 0.40
CA ALA A 83 -5.40 -6.71 -0.88
C ALA A 83 -4.23 -6.92 -1.84
N ALA A 84 -4.21 -8.06 -2.52
CA ALA A 84 -3.11 -8.34 -3.43
C ALA A 84 -3.00 -7.25 -4.49
N SER A 85 -1.85 -6.59 -4.52
CA SER A 85 -1.57 -5.56 -5.52
C SER A 85 -0.07 -5.32 -5.56
N PRO A 86 0.49 -4.96 -6.71
CA PRO A 86 1.96 -4.87 -6.81
C PRO A 86 2.55 -3.87 -5.84
N THR A 87 1.79 -2.84 -5.47
CA THR A 87 2.27 -1.81 -4.57
C THR A 87 1.14 -1.34 -3.70
N ILE A 88 1.49 -0.57 -2.68
CA ILE A 88 0.55 0.15 -1.85
C ILE A 88 1.06 1.58 -1.76
N ALA A 89 0.24 2.53 -2.22
CA ALA A 89 0.51 3.95 -2.07
C ALA A 89 -0.23 4.44 -0.83
N LEU A 90 0.49 5.13 0.06
CA LEU A 90 -0.13 5.71 1.25
C LEU A 90 0.07 7.23 1.26
N LEU A 91 -0.99 7.94 1.60
CA LEU A 91 -0.95 9.38 1.84
C LEU A 91 -1.01 9.62 3.35
N LEU A 92 -0.07 10.42 3.86
CA LEU A 92 0.16 10.48 5.31
C LEU A 92 0.22 11.91 5.79
N GLU A 93 -0.17 12.10 7.05
CA GLU A 93 -0.11 13.38 7.74
C GLU A 93 0.86 13.25 8.89
N ARG A 94 1.83 14.16 8.96
CA ARG A 94 2.82 14.18 10.02
C ARG A 94 2.81 15.55 10.68
N GLU A 95 2.93 15.55 12.01
CA GLU A 95 3.37 16.74 12.74
C GLU A 95 3.40 16.41 14.22
N GLY B 1 24.52 -21.44 17.89
CA GLY B 1 25.19 -22.72 17.72
C GLY B 1 24.68 -23.50 16.54
N PRO B 2 25.54 -24.31 15.91
CA PRO B 2 25.15 -25.02 14.67
C PRO B 2 23.92 -25.92 14.85
N LEU B 3 23.45 -26.11 16.08
CA LEU B 3 22.23 -26.86 16.33
C LEU B 3 21.17 -25.97 16.95
N GLY B 4 21.27 -24.67 16.73
CA GLY B 4 20.45 -23.73 17.46
C GLY B 4 21.09 -23.38 18.78
N SER B 5 20.39 -22.54 19.52
CA SER B 5 20.82 -22.08 20.83
C SER B 5 19.62 -21.53 21.58
N ARG B 6 19.79 -21.39 22.90
CA ARG B 6 18.82 -20.78 23.80
C ARG B 6 19.34 -19.41 24.24
N HIS B 7 18.42 -18.46 24.39
CA HIS B 7 18.74 -17.12 24.84
C HIS B 7 17.67 -16.67 25.82
N VAL B 8 18.06 -15.76 26.71
CA VAL B 8 17.17 -15.15 27.68
C VAL B 8 16.91 -13.72 27.25
N ALA B 9 15.67 -13.28 27.40
CA ALA B 9 15.31 -11.91 27.05
C ALA B 9 14.58 -11.27 28.22
N CYS B 10 15.13 -10.19 28.75
CA CYS B 10 14.54 -9.44 29.86
C CYS B 10 14.10 -8.06 29.36
N LEU B 11 12.81 -7.78 29.49
CA LEU B 11 12.21 -6.60 28.89
C LEU B 11 11.32 -5.86 29.87
N ALA B 12 11.52 -4.56 29.95
CA ALA B 12 10.60 -3.65 30.63
C ALA B 12 9.65 -3.04 29.59
N ARG B 13 8.35 -3.07 29.87
CA ARG B 13 7.39 -2.49 28.94
C ARG B 13 7.61 -1.00 28.75
N SER B 14 7.09 -0.47 27.65
CA SER B 14 6.85 0.94 27.46
C SER B 14 5.35 1.19 27.66
N GLU B 15 4.93 2.45 27.68
CA GLU B 15 3.50 2.73 27.50
C GLU B 15 3.01 2.08 26.21
N ARG B 16 3.87 1.90 25.22
CA ARG B 16 3.42 1.30 23.97
C ARG B 16 3.13 -0.20 24.19
N GLY B 17 3.89 -0.88 25.10
CA GLY B 17 3.89 -2.34 25.14
C GLY B 17 5.32 -2.86 25.09
N LEU B 18 5.50 -4.16 24.81
CA LEU B 18 6.82 -4.74 24.76
C LEU B 18 7.54 -4.43 23.45
N GLY B 19 6.80 -4.31 22.36
CA GLY B 19 7.42 -3.97 21.11
C GLY B 19 7.76 -5.15 20.25
N PHE B 20 7.01 -6.26 20.34
CA PHE B 20 7.21 -7.39 19.45
C PHE B 20 5.86 -8.08 19.30
N SER B 21 5.81 -9.03 18.36
CA SER B 21 4.61 -9.75 18.01
C SER B 21 4.92 -11.23 18.00
N ILE B 22 3.88 -12.03 18.24
CA ILE B 22 4.01 -13.48 18.22
C ILE B 22 2.91 -14.04 17.31
N ALA B 23 3.29 -15.03 16.51
CA ALA B 23 2.33 -15.80 15.73
C ALA B 23 2.50 -17.27 16.06
N GLY B 24 1.46 -18.05 15.80
CA GLY B 24 1.57 -19.48 15.98
C GLY B 24 0.88 -19.99 17.23
N GLY B 25 1.33 -21.12 17.73
CA GLY B 25 0.67 -21.79 18.83
C GLY B 25 -0.20 -22.91 18.34
N LYS B 26 -1.07 -23.37 19.23
CA LYS B 26 -2.01 -24.43 18.89
C LYS B 26 -3.36 -23.82 18.56
N GLY B 27 -3.97 -24.32 17.51
CA GLY B 27 -5.27 -23.81 17.12
C GLY B 27 -5.27 -22.75 16.06
N SER B 28 -4.41 -21.74 16.21
CA SER B 28 -4.24 -20.70 15.20
C SER B 28 -3.18 -21.11 14.20
N THR B 29 -3.18 -20.43 13.05
CA THR B 29 -2.38 -20.86 11.91
C THR B 29 -0.90 -20.89 12.28
N PRO B 30 -0.15 -21.90 11.85
CA PRO B 30 1.29 -21.90 12.14
C PRO B 30 2.00 -20.70 11.52
N TYR B 31 3.08 -20.28 12.20
CA TYR B 31 4.04 -19.36 11.60
C TYR B 31 4.83 -20.04 10.50
N ARG B 32 5.45 -21.17 10.81
CA ARG B 32 6.23 -21.97 9.87
C ARG B 32 5.42 -23.23 9.64
N ALA B 33 4.73 -23.30 8.51
CA ALA B 33 3.87 -24.45 8.23
C ALA B 33 4.64 -25.74 8.53
N GLY B 34 3.98 -26.65 9.23
CA GLY B 34 4.63 -27.83 9.78
C GLY B 34 5.09 -27.67 11.21
N ASP B 35 4.86 -26.51 11.82
CA ASP B 35 5.32 -26.24 13.18
C ASP B 35 4.27 -25.36 13.88
N ALA B 36 3.71 -25.86 14.98
CA ALA B 36 2.64 -25.17 15.69
C ALA B 36 3.15 -24.37 16.89
N GLY B 37 4.46 -24.26 17.06
CA GLY B 37 5.02 -23.48 18.14
C GLY B 37 4.61 -22.02 18.09
N ILE B 38 4.99 -21.30 19.14
CA ILE B 38 4.85 -19.85 19.23
C ILE B 38 6.17 -19.21 18.82
N PHE B 39 6.13 -18.31 17.86
CA PHE B 39 7.34 -17.66 17.35
C PHE B 39 7.17 -16.16 17.41
N VAL B 40 8.31 -15.46 17.45
CA VAL B 40 8.36 -14.00 17.32
C VAL B 40 8.37 -13.65 15.84
N SER B 41 7.26 -13.12 15.34
CA SER B 41 7.14 -12.78 13.93
C SER B 41 7.64 -11.38 13.61
N ARG B 42 7.66 -10.47 14.59
CA ARG B 42 7.86 -9.05 14.34
C ARG B 42 8.49 -8.35 15.56
N ILE B 43 9.35 -7.37 15.28
CA ILE B 43 9.96 -6.53 16.31
C ILE B 43 9.87 -5.09 15.83
N ALA B 44 9.35 -4.23 16.68
CA ALA B 44 9.12 -2.83 16.33
C ALA B 44 10.43 -2.07 16.44
N GLU B 45 10.76 -1.32 15.37
CA GLU B 45 11.87 -0.40 15.40
C GLU B 45 11.66 0.58 16.55
N GLY B 46 12.63 0.66 17.45
CA GLY B 46 12.58 1.54 18.60
C GLY B 46 11.84 1.02 19.82
N GLY B 47 11.26 -0.18 19.78
CA GLY B 47 10.61 -0.75 20.93
C GLY B 47 11.59 -1.40 21.91
N ALA B 48 11.05 -1.89 23.02
CA ALA B 48 11.91 -2.44 24.06
C ALA B 48 12.68 -3.66 23.55
N ALA B 49 12.01 -4.53 22.79
CA ALA B 49 12.70 -5.69 22.26
C ALA B 49 13.80 -5.29 21.29
N HIS B 50 13.61 -4.20 20.55
CA HIS B 50 14.69 -3.76 19.68
C HIS B 50 15.86 -3.22 20.50
N ARG B 51 15.59 -2.42 21.51
CA ARG B 51 16.68 -1.80 22.24
C ARG B 51 17.49 -2.82 23.02
N ALA B 52 16.82 -3.83 23.58
CA ALA B 52 17.53 -4.88 24.31
C ALA B 52 18.41 -5.69 23.38
N GLY B 53 17.98 -5.85 22.12
CA GLY B 53 18.75 -6.54 21.13
C GLY B 53 18.80 -8.04 21.28
N THR B 54 18.05 -8.62 22.23
CA THR B 54 18.17 -10.03 22.55
C THR B 54 17.08 -10.89 21.93
N LEU B 55 16.08 -10.29 21.30
CA LEU B 55 15.04 -10.99 20.54
C LEU B 55 15.38 -10.97 19.06
N GLN B 56 15.02 -12.04 18.36
CA GLN B 56 15.28 -12.14 16.93
C GLN B 56 14.08 -12.75 16.24
N VAL B 57 13.58 -12.07 15.20
CA VAL B 57 12.43 -12.56 14.44
C VAL B 57 12.71 -14.00 14.02
N GLY B 58 11.76 -14.88 14.30
CA GLY B 58 11.91 -16.28 14.01
C GLY B 58 12.23 -17.13 15.21
N ASP B 59 12.63 -16.50 16.32
CA ASP B 59 12.90 -17.24 17.54
C ASP B 59 11.66 -18.03 17.91
N ARG B 60 11.86 -19.21 18.47
CA ARG B 60 10.76 -19.97 19.06
C ARG B 60 10.67 -19.61 20.53
N VAL B 61 9.46 -19.32 21.00
CA VAL B 61 9.27 -18.93 22.39
C VAL B 61 9.07 -20.19 23.21
N LEU B 62 10.03 -20.48 24.11
CA LEU B 62 9.92 -21.67 24.94
C LEU B 62 9.15 -21.38 26.24
N SER B 63 9.45 -20.28 26.91
CA SER B 63 8.92 -20.02 28.24
C SER B 63 8.67 -18.54 28.43
N ILE B 64 7.62 -18.20 29.17
CA ILE B 64 7.25 -16.81 29.41
C ILE B 64 6.98 -16.66 30.90
N ASN B 65 7.94 -16.08 31.62
CA ASN B 65 7.80 -15.89 33.06
C ASN B 65 7.60 -17.22 33.77
N GLY B 66 8.39 -18.21 33.38
CA GLY B 66 8.36 -19.48 34.05
C GLY B 66 7.27 -20.42 33.61
N VAL B 67 6.53 -20.08 32.56
CA VAL B 67 5.39 -20.87 32.11
C VAL B 67 5.72 -21.48 30.75
N ASP B 68 5.58 -22.81 30.65
CA ASP B 68 5.93 -23.57 29.47
C ASP B 68 4.93 -23.31 28.35
N VAL B 69 5.26 -22.36 27.46
CA VAL B 69 4.41 -22.06 26.33
C VAL B 69 4.86 -22.88 25.13
N THR B 70 5.68 -23.90 25.39
CA THR B 70 6.13 -24.79 24.31
C THR B 70 4.97 -25.49 23.61
N GLU B 71 3.79 -25.55 24.23
CA GLU B 71 2.63 -26.11 23.55
C GLU B 71 1.36 -25.35 23.89
N ALA B 72 1.47 -24.06 24.18
CA ALA B 72 0.33 -23.27 24.57
C ALA B 72 -0.55 -22.94 23.37
N ARG B 73 -1.83 -22.67 23.66
CA ARG B 73 -2.65 -21.96 22.69
C ARG B 73 -2.00 -20.62 22.38
N HIS B 74 -2.50 -19.96 21.32
CA HIS B 74 -2.04 -18.59 21.04
C HIS B 74 -2.60 -17.61 22.06
N ASP B 75 -3.86 -17.81 22.47
CA ASP B 75 -4.47 -16.96 23.47
C ASP B 75 -3.68 -16.99 24.78
N HIS B 76 -3.24 -18.17 25.20
CA HIS B 76 -2.51 -18.28 26.46
C HIS B 76 -1.23 -17.45 26.43
N ALA B 77 -0.48 -17.56 25.33
CA ALA B 77 0.78 -16.80 25.21
C ALA B 77 0.51 -15.30 25.26
N VAL B 78 -0.49 -14.83 24.51
CA VAL B 78 -0.88 -13.42 24.57
C VAL B 78 -1.20 -13.04 26.01
N SER B 79 -2.00 -13.86 26.70
CA SER B 79 -2.34 -13.55 28.08
C SER B 79 -1.07 -13.41 28.93
N LEU B 80 -0.17 -14.38 28.86
CA LEU B 80 1.06 -14.29 29.64
C LEU B 80 1.86 -13.04 29.28
N LEU B 81 1.88 -12.66 28.00
CA LEU B 81 2.71 -11.54 27.56
C LEU B 81 2.07 -10.19 27.88
N THR B 82 0.75 -10.14 28.00
CA THR B 82 0.05 -8.89 28.24
C THR B 82 -0.38 -8.71 29.68
N ALA B 83 0.19 -9.49 30.60
CA ALA B 83 -0.10 -9.33 32.03
C ALA B 83 0.39 -7.98 32.52
N ALA B 84 0.16 -7.71 33.81
CA ALA B 84 0.29 -6.35 34.31
C ALA B 84 1.73 -5.96 34.60
N SER B 85 2.59 -6.91 34.89
CA SER B 85 3.93 -6.63 35.42
C SER B 85 4.65 -5.52 34.66
N PRO B 86 5.55 -4.78 35.33
CA PRO B 86 6.44 -3.87 34.61
C PRO B 86 7.55 -4.56 33.82
N THR B 87 7.64 -5.88 33.90
CA THR B 87 8.75 -6.64 33.33
C THR B 87 8.22 -7.93 32.74
N ILE B 88 9.07 -8.58 31.95
CA ILE B 88 8.76 -9.91 31.43
C ILE B 88 10.06 -10.60 31.04
N ALA B 89 10.12 -11.89 31.38
CA ALA B 89 11.26 -12.73 31.12
C ALA B 89 10.82 -13.74 30.07
N LEU B 90 11.60 -13.88 29.01
CA LEU B 90 11.34 -14.87 27.97
C LEU B 90 12.57 -15.74 27.79
N LEU B 91 12.33 -17.03 27.54
CA LEU B 91 13.36 -17.97 27.10
C LEU B 91 13.07 -18.36 25.67
N LEU B 92 14.10 -18.38 24.82
CA LEU B 92 13.87 -18.51 23.38
C LEU B 92 14.77 -19.55 22.75
N GLU B 93 14.24 -20.16 21.69
CA GLU B 93 14.99 -21.08 20.85
C GLU B 93 15.33 -20.37 19.55
N ARG B 94 16.61 -20.43 19.18
CA ARG B 94 17.17 -19.77 18.00
C ARG B 94 17.95 -20.80 17.20
N GLU B 95 17.96 -20.64 15.88
CA GLU B 95 18.77 -21.51 15.05
C GLU B 95 19.91 -20.72 14.45
N ALA B 96 21.03 -21.40 14.27
CA ALA B 96 22.16 -20.91 13.52
C ALA B 96 21.80 -19.98 12.37
N GLY C 4 -5.22 22.95 -14.11
CA GLY C 4 -3.87 22.51 -13.80
C GLY C 4 -3.85 21.56 -12.62
N SER C 5 -3.39 20.33 -12.84
CA SER C 5 -3.57 19.23 -11.89
C SER C 5 -2.25 18.62 -11.45
N ARG C 6 -2.27 18.01 -10.26
CA ARG C 6 -1.12 17.31 -9.69
C ARG C 6 -1.50 15.89 -9.30
N HIS C 7 -0.55 14.98 -9.44
CA HIS C 7 -0.84 13.56 -9.32
C HIS C 7 0.38 12.85 -8.75
N VAL C 8 0.11 11.77 -8.03
CA VAL C 8 1.14 10.90 -7.48
C VAL C 8 1.15 9.60 -8.26
N ALA C 9 2.35 9.07 -8.49
CA ALA C 9 2.55 7.80 -9.20
C ALA C 9 3.43 6.92 -8.34
N CYS C 10 2.92 5.74 -7.98
CA CYS C 10 3.63 4.80 -7.12
C CYS C 10 3.89 3.58 -7.99
N LEU C 11 5.16 3.33 -8.30
CA LEU C 11 5.56 2.27 -9.21
C LEU C 11 6.44 1.25 -8.50
N ALA C 12 6.38 0.01 -8.99
CA ALA C 12 7.25 -1.07 -8.53
C ALA C 12 8.24 -1.36 -9.65
N ARG C 13 9.53 -1.24 -9.35
CA ARG C 13 10.55 -1.52 -10.35
C ARG C 13 10.36 -2.91 -10.91
N SER C 14 10.27 -3.01 -12.24
CA SER C 14 10.39 -4.26 -12.97
C SER C 14 11.87 -4.62 -13.12
N GLU C 15 12.15 -5.88 -13.45
CA GLU C 15 13.53 -6.23 -13.77
C GLU C 15 14.04 -5.45 -14.98
N ARG C 16 13.14 -5.03 -15.88
CA ARG C 16 13.50 -4.01 -16.84
C ARG C 16 13.76 -2.67 -16.15
N GLY C 17 12.96 -2.35 -15.14
CA GLY C 17 12.97 -1.04 -14.51
C GLY C 17 11.59 -0.42 -14.36
N LEU C 18 11.50 0.90 -14.39
CA LEU C 18 10.20 1.54 -14.17
C LEU C 18 9.39 1.59 -15.45
N GLY C 19 10.07 1.70 -16.58
CA GLY C 19 9.42 1.73 -17.88
C GLY C 19 8.91 3.11 -18.22
N PHE C 20 9.78 4.11 -18.08
CA PHE C 20 9.50 5.41 -18.67
C PHE C 20 10.81 6.17 -18.79
N SER C 21 10.73 7.34 -19.40
CA SER C 21 11.91 8.13 -19.74
C SER C 21 11.66 9.59 -19.40
N ILE C 22 12.72 10.28 -18.97
CA ILE C 22 12.60 11.71 -18.74
C ILE C 22 13.57 12.50 -19.61
N ALA C 23 13.25 13.79 -19.77
CA ALA C 23 14.06 14.75 -20.48
C ALA C 23 14.07 16.07 -19.74
N GLY C 24 14.92 16.97 -20.19
CA GLY C 24 15.02 18.28 -19.59
C GLY C 24 15.77 18.24 -18.29
N GLY C 25 15.80 19.39 -17.63
CA GLY C 25 16.67 19.64 -16.50
C GLY C 25 17.82 20.58 -16.86
N LYS C 26 18.50 21.06 -15.84
CA LYS C 26 19.53 22.07 -16.00
C LYS C 26 20.74 21.54 -16.77
N SER C 28 20.70 18.31 -19.59
CA SER C 28 20.41 17.98 -20.98
C SER C 28 19.75 19.19 -21.68
N THR C 29 19.34 19.01 -22.95
CA THR C 29 18.61 20.06 -23.65
C THR C 29 17.15 20.11 -23.18
N PRO C 30 16.54 21.29 -23.22
CA PRO C 30 15.16 21.40 -22.75
C PRO C 30 14.23 20.44 -23.46
N TYR C 31 13.32 19.84 -22.68
CA TYR C 31 12.21 19.11 -23.28
C TYR C 31 11.36 20.04 -24.12
N ARG C 32 10.99 21.19 -23.56
CA ARG C 32 10.31 22.26 -24.26
C ARG C 32 11.19 23.49 -24.27
N ALA C 33 10.96 24.37 -25.25
CA ALA C 33 11.75 25.58 -25.35
C ALA C 33 11.44 26.50 -24.19
N GLY C 34 12.48 27.04 -23.56
CA GLY C 34 12.32 27.99 -22.49
C GLY C 34 12.00 27.41 -21.14
N ASP C 35 12.00 26.08 -21.00
CA ASP C 35 11.74 25.47 -19.71
C ASP C 35 12.74 24.35 -19.48
N ALA C 36 13.54 24.46 -18.41
CA ALA C 36 14.55 23.47 -18.09
C ALA C 36 14.04 22.41 -17.13
N GLY C 37 12.72 22.30 -16.99
CA GLY C 37 12.14 21.32 -16.09
C GLY C 37 12.29 19.90 -16.59
N ILE C 38 12.14 18.97 -15.67
CA ILE C 38 12.20 17.55 -15.98
C ILE C 38 10.81 17.08 -16.35
N PHE C 39 10.68 16.38 -17.46
CA PHE C 39 9.39 15.94 -17.92
C PHE C 39 9.45 14.46 -18.22
N VAL C 40 8.27 13.86 -18.26
CA VAL C 40 8.06 12.49 -18.76
C VAL C 40 7.95 12.55 -20.28
N SER C 41 8.90 11.89 -20.97
CA SER C 41 8.95 11.95 -22.44
C SER C 41 8.50 10.67 -23.12
N ARG C 42 8.56 9.54 -22.43
CA ARG C 42 8.19 8.25 -22.98
C ARG C 42 7.59 7.41 -21.86
N ILE C 43 6.82 6.40 -22.27
CA ILE C 43 6.31 5.38 -21.35
C ILE C 43 6.31 4.06 -22.10
N ALA C 44 7.13 3.12 -21.64
CA ALA C 44 7.27 1.84 -22.34
C ALA C 44 5.94 1.10 -22.37
N GLU C 45 5.56 0.64 -23.55
CA GLU C 45 4.46 -0.31 -23.68
C GLU C 45 4.76 -1.55 -22.85
N GLY C 46 3.79 -1.98 -22.04
CA GLY C 46 3.94 -3.14 -21.17
C GLY C 46 4.76 -2.94 -19.91
N GLY C 47 5.30 -1.74 -19.67
CA GLY C 47 6.13 -1.50 -18.51
C GLY C 47 5.33 -1.17 -17.25
N ALA C 48 6.06 -1.01 -16.15
CA ALA C 48 5.43 -0.74 -14.86
C ALA C 48 4.68 0.58 -14.88
N ALA C 49 5.29 1.61 -15.43
CA ALA C 49 4.58 2.88 -15.61
C ALA C 49 3.30 2.70 -16.43
N HIS C 50 3.36 1.92 -17.51
CA HIS C 50 2.16 1.75 -18.34
C HIS C 50 1.07 1.02 -17.57
N ARG C 51 1.43 -0.05 -16.86
CA ARG C 51 0.41 -0.84 -16.20
C ARG C 51 -0.20 -0.12 -15.01
N ALA C 52 0.50 0.83 -14.40
CA ALA C 52 -0.11 1.61 -13.33
C ALA C 52 -1.13 2.61 -13.85
N GLY C 53 -0.85 3.21 -15.02
CA GLY C 53 -1.78 4.13 -15.64
C GLY C 53 -1.78 5.51 -15.05
N THR C 54 -0.88 5.78 -14.13
CA THR C 54 -0.83 7.09 -13.51
C THR C 54 0.14 8.03 -14.20
N LEU C 55 0.91 7.59 -15.17
CA LEU C 55 1.90 8.45 -15.80
C LEU C 55 1.34 8.89 -17.15
N GLN C 56 1.67 10.12 -17.56
CA GLN C 56 1.33 10.66 -18.88
C GLN C 56 2.54 11.39 -19.45
N VAL C 57 2.83 11.15 -20.74
CA VAL C 57 3.93 11.84 -21.40
C VAL C 57 3.68 13.34 -21.41
N GLY C 58 4.71 14.10 -21.08
CA GLY C 58 4.56 15.53 -20.91
C GLY C 58 4.28 15.96 -19.49
N ASP C 59 4.19 15.01 -18.55
CA ASP C 59 4.06 15.38 -17.14
C ASP C 59 5.30 16.16 -16.70
N ARG C 60 5.08 17.25 -15.98
CA ARG C 60 6.17 17.94 -15.30
C ARG C 60 6.42 17.26 -13.98
N VAL C 61 7.63 16.76 -13.77
CA VAL C 61 7.93 15.96 -12.58
C VAL C 61 8.30 16.92 -11.45
N LEU C 62 7.44 17.03 -10.44
CA LEU C 62 7.70 17.99 -9.37
C LEU C 62 8.61 17.38 -8.31
N SER C 63 8.29 16.17 -7.83
CA SER C 63 9.07 15.49 -6.79
C SER C 63 9.35 14.04 -7.14
N ILE C 64 10.39 13.48 -6.48
CA ILE C 64 10.70 12.06 -6.52
C ILE C 64 11.08 11.63 -5.12
N ASN C 65 10.36 10.66 -4.56
CA ASN C 65 10.65 10.19 -3.21
C ASN C 65 10.81 11.35 -2.23
N GLY C 66 10.01 12.40 -2.40
CA GLY C 66 10.01 13.53 -1.50
C GLY C 66 11.01 14.60 -1.84
N VAL C 67 11.94 14.30 -2.74
CA VAL C 67 12.99 15.24 -3.13
C VAL C 67 12.47 16.14 -4.25
N ASP C 68 12.29 17.42 -3.95
CA ASP C 68 11.93 18.40 -4.97
C ASP C 68 12.92 18.34 -6.12
N VAL C 69 12.41 18.18 -7.35
CA VAL C 69 13.24 18.10 -8.55
C VAL C 69 12.98 19.24 -9.53
N THR C 70 12.04 20.13 -9.25
CA THR C 70 12.05 21.39 -9.99
C THR C 70 13.42 22.04 -9.82
N GLU C 71 13.97 22.56 -10.90
CA GLU C 71 15.29 23.19 -10.86
C GLU C 71 16.37 22.23 -10.33
N ALA C 72 16.18 20.93 -10.57
CA ALA C 72 17.25 19.95 -10.40
C ALA C 72 17.89 19.60 -11.74
N ARG C 73 19.19 19.34 -11.71
CA ARG C 73 19.89 18.88 -12.91
C ARG C 73 19.35 17.51 -13.31
N HIS C 74 19.40 17.24 -14.61
CA HIS C 74 18.94 15.97 -15.16
C HIS C 74 19.63 14.78 -14.47
N ASP C 75 20.92 14.93 -14.12
CA ASP C 75 21.68 13.78 -13.64
C ASP C 75 21.23 13.37 -12.25
N HIS C 76 20.86 14.34 -11.40
CA HIS C 76 20.38 14.02 -10.05
C HIS C 76 19.05 13.28 -10.12
N ALA C 77 18.17 13.71 -11.04
CA ALA C 77 16.89 13.04 -11.23
C ALA C 77 17.10 11.58 -11.64
N VAL C 78 18.03 11.33 -12.53
CA VAL C 78 18.27 9.95 -12.95
C VAL C 78 18.74 9.11 -11.76
N SER C 79 19.57 9.70 -10.88
CA SER C 79 20.13 8.92 -9.78
C SER C 79 19.07 8.56 -8.74
N LEU C 80 18.10 9.45 -8.52
CA LEU C 80 16.99 9.12 -7.63
C LEU C 80 16.10 8.03 -8.24
N LEU C 81 15.83 8.11 -9.55
CA LEU C 81 14.97 7.11 -10.18
C LEU C 81 15.69 5.78 -10.35
N THR C 82 17.01 5.78 -10.27
CA THR C 82 17.80 4.62 -10.56
C THR C 82 18.38 3.97 -9.31
N ALA C 83 18.24 4.60 -8.14
CA ALA C 83 18.62 3.97 -6.88
C ALA C 83 17.92 2.62 -6.72
N ALA C 84 18.65 1.66 -6.15
CA ALA C 84 18.15 0.29 -6.02
C ALA C 84 17.06 0.27 -4.94
N SER C 85 15.80 0.27 -5.38
CA SER C 85 14.65 0.30 -4.50
C SER C 85 13.57 -0.56 -5.11
N PRO C 86 12.71 -1.18 -4.29
CA PRO C 86 11.62 -1.98 -4.86
C PRO C 86 10.58 -1.12 -5.56
N THR C 87 10.30 0.08 -5.04
CA THR C 87 9.25 0.93 -5.55
C THR C 87 9.82 2.34 -5.66
N ILE C 88 8.99 3.30 -6.08
CA ILE C 88 9.38 4.70 -6.17
C ILE C 88 8.11 5.53 -6.28
N ALA C 89 8.17 6.78 -5.83
CA ALA C 89 7.01 7.63 -5.75
C ALA C 89 7.30 8.94 -6.47
N LEU C 90 6.30 9.42 -7.23
CA LEU C 90 6.47 10.59 -8.08
C LEU C 90 5.32 11.56 -7.85
N LEU C 91 5.63 12.86 -7.88
CA LEU C 91 4.62 13.91 -7.80
C LEU C 91 4.67 14.68 -9.11
N LEU C 92 3.58 14.64 -9.87
CA LEU C 92 3.55 15.14 -11.23
C LEU C 92 2.54 16.27 -11.36
N GLU C 93 2.75 17.12 -12.37
CA GLU C 93 1.83 18.18 -12.72
C GLU C 93 1.60 18.15 -14.22
N ARG C 94 0.35 18.39 -14.64
CA ARG C 94 0.07 18.38 -16.07
C ARG C 94 -1.06 19.35 -16.42
N GLU C 95 -1.15 19.62 -17.72
CA GLU C 95 -2.06 20.62 -18.24
C GLU C 95 -3.50 20.13 -18.17
N ALA C 96 -4.41 20.97 -18.64
CA ALA C 96 -5.83 20.63 -18.78
C ALA C 96 -6.52 20.26 -17.45
N GLY D 4 -30.66 12.21 -13.00
CA GLY D 4 -29.51 11.33 -13.00
C GLY D 4 -29.22 10.72 -11.65
N SER D 5 -29.56 9.44 -11.49
CA SER D 5 -29.36 8.72 -10.25
CA SER D 5 -29.35 8.72 -10.24
C SER D 5 -28.10 7.86 -10.31
N ARG D 6 -27.65 7.40 -9.14
CA ARG D 6 -26.45 6.59 -9.01
C ARG D 6 -26.81 5.17 -8.58
N HIS D 7 -25.91 4.24 -8.91
CA HIS D 7 -26.17 2.82 -8.71
C HIS D 7 -24.85 2.11 -8.47
N VAL D 8 -24.92 1.03 -7.71
CA VAL D 8 -23.74 0.26 -7.32
C VAL D 8 -23.77 -1.07 -8.04
N ALA D 9 -22.68 -1.38 -8.74
CA ALA D 9 -22.46 -2.71 -9.31
C ALA D 9 -21.40 -3.41 -8.47
N CYS D 10 -21.59 -4.69 -8.24
CA CYS D 10 -20.63 -5.48 -7.49
C CYS D 10 -20.39 -6.75 -8.30
N LEU D 11 -19.15 -6.97 -8.70
CA LEU D 11 -18.86 -8.00 -9.69
C LEU D 11 -17.70 -8.86 -9.24
N ALA D 12 -17.86 -10.17 -9.39
CA ALA D 12 -16.77 -11.13 -9.26
C ALA D 12 -16.27 -11.45 -10.65
N ARG D 13 -14.97 -11.69 -10.75
CA ARG D 13 -14.36 -11.89 -12.06
C ARG D 13 -14.35 -13.37 -12.44
N SER D 14 -14.79 -13.64 -13.67
CA SER D 14 -14.52 -14.90 -14.34
C SER D 14 -13.05 -14.91 -14.79
N GLU D 15 -12.52 -16.10 -15.09
CA GLU D 15 -11.29 -16.17 -15.87
C GLU D 15 -11.46 -15.42 -17.19
N ARG D 16 -12.67 -15.52 -17.77
CA ARG D 16 -13.13 -14.62 -18.82
C ARG D 16 -12.69 -13.19 -18.52
N GLY D 17 -13.12 -12.64 -17.40
CA GLY D 17 -12.94 -11.24 -17.14
C GLY D 17 -14.17 -10.72 -16.44
N LEU D 18 -14.26 -9.40 -16.31
CA LEU D 18 -15.39 -8.76 -15.68
C LEU D 18 -16.63 -8.68 -16.59
N GLY D 19 -16.48 -8.78 -17.89
CA GLY D 19 -17.64 -8.82 -18.77
C GLY D 19 -18.17 -7.47 -19.23
N PHE D 20 -17.32 -6.46 -19.37
CA PHE D 20 -17.74 -5.20 -19.94
C PHE D 20 -16.51 -4.41 -20.39
N SER D 21 -16.76 -3.25 -21.00
CA SER D 21 -15.74 -2.42 -21.60
C SER D 21 -15.99 -0.96 -21.26
N ILE D 22 -14.90 -0.18 -21.23
CA ILE D 22 -14.98 1.24 -20.90
C ILE D 22 -14.42 2.06 -22.04
N ALA D 23 -14.91 3.30 -22.15
CA ALA D 23 -14.43 4.25 -23.15
C ALA D 23 -14.30 5.62 -22.52
N GLY D 24 -13.33 6.38 -23.00
CA GLY D 24 -13.15 7.74 -22.55
C GLY D 24 -12.24 7.85 -21.35
N GLY D 25 -12.34 8.99 -20.69
CA GLY D 25 -11.35 9.43 -19.74
C GLY D 25 -10.57 10.63 -20.27
N LYS D 26 -9.82 11.24 -19.35
CA LYS D 26 -9.03 12.42 -19.70
C LYS D 26 -7.98 12.11 -20.75
N GLY D 27 -7.36 10.93 -20.67
CA GLY D 27 -6.27 10.57 -21.55
C GLY D 27 -6.60 9.72 -22.77
N SER D 28 -7.85 9.80 -23.25
CA SER D 28 -8.26 9.11 -24.46
C SER D 28 -9.40 9.88 -25.12
N THR D 29 -9.81 9.40 -26.29
CA THR D 29 -10.85 10.09 -27.04
C THR D 29 -12.20 9.87 -26.37
N PRO D 30 -13.02 10.90 -26.29
CA PRO D 30 -14.29 10.79 -25.56
C PRO D 30 -15.16 9.64 -26.02
N TYR D 31 -16.15 9.30 -25.18
CA TYR D 31 -17.24 8.41 -25.53
C TYR D 31 -18.40 9.16 -26.19
N ARG D 32 -18.62 10.41 -25.78
CA ARG D 32 -19.60 11.31 -26.38
C ARG D 32 -18.91 12.65 -26.57
N ALA D 33 -19.65 13.62 -27.09
CA ALA D 33 -19.02 14.88 -27.50
C ALA D 33 -18.65 15.75 -26.31
N GLY D 34 -19.47 15.74 -25.26
CA GLY D 34 -19.27 16.63 -24.14
C GLY D 34 -18.20 16.19 -23.15
N ASP D 35 -18.27 14.93 -22.70
CA ASP D 35 -17.51 14.46 -21.54
C ASP D 35 -16.33 13.60 -21.95
N ALA D 36 -15.14 13.93 -21.42
CA ALA D 36 -14.03 12.99 -21.38
C ALA D 36 -14.12 12.07 -20.16
N GLY D 37 -15.35 11.74 -19.74
CA GLY D 37 -15.59 10.86 -18.62
C GLY D 37 -15.19 9.44 -18.93
N ILE D 38 -15.63 8.50 -18.12
CA ILE D 38 -15.39 7.09 -18.32
C ILE D 38 -16.76 6.43 -18.35
N PHE D 39 -17.15 5.89 -19.50
CA PHE D 39 -18.44 5.24 -19.64
C PHE D 39 -18.25 3.76 -19.92
N VAL D 40 -19.26 2.98 -19.57
CA VAL D 40 -19.35 1.60 -20.03
C VAL D 40 -19.82 1.62 -21.48
N SER D 41 -19.01 1.08 -22.38
CA SER D 41 -19.29 1.15 -23.81
C SER D 41 -19.93 -0.12 -24.35
N ARG D 42 -19.72 -1.25 -23.69
CA ARG D 42 -20.42 -2.47 -24.04
C ARG D 42 -20.36 -3.44 -22.87
N ILE D 43 -21.17 -4.48 -22.96
CA ILE D 43 -21.30 -5.49 -21.92
C ILE D 43 -21.34 -6.85 -22.62
N ALA D 44 -20.42 -7.73 -22.25
CA ALA D 44 -20.38 -9.06 -22.87
C ALA D 44 -21.67 -9.82 -22.57
N GLU D 45 -22.18 -10.50 -23.61
CA GLU D 45 -23.28 -11.45 -23.45
C GLU D 45 -22.78 -12.67 -22.70
N GLY D 46 -23.37 -12.96 -21.54
CA GLY D 46 -22.98 -14.11 -20.76
C GLY D 46 -21.93 -13.83 -19.69
N GLY D 47 -21.38 -12.62 -19.63
CA GLY D 47 -20.35 -12.30 -18.66
C GLY D 47 -20.88 -11.99 -17.26
N ALA D 48 -19.93 -11.68 -16.39
CA ALA D 48 -20.28 -11.29 -15.03
C ALA D 48 -21.23 -10.10 -15.02
N ALA D 49 -20.87 -9.03 -15.71
CA ALA D 49 -21.66 -7.81 -15.61
C ALA D 49 -23.06 -8.03 -16.16
N HIS D 50 -23.19 -8.90 -17.16
CA HIS D 50 -24.50 -9.14 -17.74
C HIS D 50 -25.38 -9.92 -16.77
N ARG D 51 -24.82 -10.91 -16.10
CA ARG D 51 -25.61 -11.66 -15.14
C ARG D 51 -25.88 -10.87 -13.87
N ALA D 52 -25.06 -9.85 -13.57
CA ALA D 52 -25.31 -9.09 -12.35
C ALA D 52 -26.51 -8.17 -12.50
N GLY D 53 -26.86 -7.78 -13.73
CA GLY D 53 -28.02 -6.96 -14.00
C GLY D 53 -27.89 -5.49 -13.70
N THR D 54 -26.72 -5.03 -13.25
CA THR D 54 -26.57 -3.60 -12.89
C THR D 54 -26.07 -2.81 -14.06
N LEU D 55 -24.82 -3.02 -14.44
CA LEU D 55 -24.13 -2.22 -15.44
C LEU D 55 -24.93 -2.12 -16.72
N GLN D 56 -24.87 -0.96 -17.36
CA GLN D 56 -25.54 -0.73 -18.63
C GLN D 56 -24.68 0.15 -19.52
N VAL D 57 -24.85 -0.03 -20.83
CA VAL D 57 -24.07 0.77 -21.76
C VAL D 57 -24.48 2.22 -21.59
N GLY D 58 -23.48 3.11 -21.53
CA GLY D 58 -23.71 4.53 -21.34
C GLY D 58 -23.70 5.01 -19.91
N ASP D 59 -23.60 4.10 -18.93
CA ASP D 59 -23.37 4.51 -17.56
C ASP D 59 -22.04 5.25 -17.43
N ARG D 60 -22.02 6.32 -16.65
CA ARG D 60 -20.77 6.89 -16.25
C ARG D 60 -20.22 6.19 -15.00
N VAL D 61 -18.93 5.85 -15.02
CA VAL D 61 -18.27 5.26 -13.85
C VAL D 61 -17.66 6.40 -13.05
N LEU D 62 -18.16 6.59 -11.82
CA LEU D 62 -17.66 7.64 -10.94
C LEU D 62 -16.60 7.14 -9.96
N SER D 63 -16.65 5.87 -9.61
CA SER D 63 -15.81 5.34 -8.56
C SER D 63 -15.56 3.87 -8.84
N ILE D 64 -14.35 3.41 -8.55
CA ILE D 64 -13.95 2.02 -8.68
C ILE D 64 -13.27 1.63 -7.39
N ASN D 65 -13.92 0.78 -6.59
CA ASN D 65 -13.33 0.24 -5.37
C ASN D 65 -12.95 1.38 -4.43
N GLY D 66 -13.74 2.44 -4.43
CA GLY D 66 -13.55 3.57 -3.56
C GLY D 66 -12.69 4.69 -4.12
N VAL D 67 -12.20 4.54 -5.35
CA VAL D 67 -11.27 5.48 -5.96
C VAL D 67 -12.04 6.30 -7.00
N ASP D 68 -12.18 7.60 -6.73
CA ASP D 68 -12.88 8.53 -7.61
C ASP D 68 -12.24 8.62 -9.00
N VAL D 69 -12.94 8.14 -10.03
CA VAL D 69 -12.40 8.14 -11.39
C VAL D 69 -13.13 9.13 -12.29
N THR D 70 -13.77 10.13 -11.71
CA THR D 70 -14.46 11.13 -12.54
C THR D 70 -13.48 11.78 -13.52
N GLU D 71 -12.27 12.10 -13.05
CA GLU D 71 -11.23 12.75 -13.85
C GLU D 71 -10.04 11.84 -14.07
N ALA D 72 -10.19 10.55 -13.83
CA ALA D 72 -9.07 9.64 -13.99
C ALA D 72 -8.70 9.49 -15.46
N ARG D 73 -7.43 9.15 -15.67
CA ARG D 73 -6.96 8.74 -16.99
C ARG D 73 -7.56 7.38 -17.32
N HIS D 74 -7.88 7.16 -18.61
CA HIS D 74 -8.47 5.91 -19.07
C HIS D 74 -7.64 4.71 -18.61
N ASP D 75 -6.33 4.75 -18.85
CA ASP D 75 -5.44 3.65 -18.51
C ASP D 75 -5.32 3.44 -16.99
N HIS D 76 -5.62 4.46 -16.19
CA HIS D 76 -5.63 4.28 -14.75
C HIS D 76 -6.85 3.46 -14.32
N ALA D 77 -8.04 3.80 -14.82
CA ALA D 77 -9.22 2.99 -14.55
C ALA D 77 -9.04 1.56 -15.00
N VAL D 78 -8.29 1.32 -16.06
CA VAL D 78 -8.07 -0.06 -16.49
C VAL D 78 -7.20 -0.79 -15.46
N SER D 79 -6.17 -0.13 -14.95
CA SER D 79 -5.41 -0.73 -13.87
C SER D 79 -6.31 -1.09 -12.70
N LEU D 80 -7.24 -0.20 -12.33
CA LEU D 80 -8.06 -0.47 -11.16
C LEU D 80 -9.01 -1.64 -11.40
N LEU D 81 -9.56 -1.76 -12.60
CA LEU D 81 -10.52 -2.81 -12.91
C LEU D 81 -9.87 -4.16 -13.20
N THR D 82 -8.54 -4.24 -13.31
CA THR D 82 -7.84 -5.46 -13.68
C THR D 82 -7.14 -6.13 -12.51
N ALA D 83 -7.04 -5.47 -11.37
CA ALA D 83 -6.36 -6.03 -10.22
C ALA D 83 -6.93 -7.39 -9.84
N ALA D 84 -6.09 -8.16 -9.15
CA ALA D 84 -6.48 -9.46 -8.60
C ALA D 84 -7.19 -9.24 -7.26
N SER D 85 -8.28 -8.50 -7.35
CA SER D 85 -9.17 -8.26 -6.23
C SER D 85 -10.21 -9.38 -6.17
N PRO D 86 -10.76 -9.66 -4.99
CA PRO D 86 -11.85 -10.66 -4.93
C PRO D 86 -13.07 -10.19 -5.70
N THR D 87 -13.32 -8.89 -5.70
CA THR D 87 -14.49 -8.32 -6.34
C THR D 87 -14.15 -6.89 -6.74
N ILE D 88 -14.98 -6.31 -7.59
CA ILE D 88 -14.83 -4.93 -8.02
C ILE D 88 -16.17 -4.25 -7.77
N ALA D 89 -16.16 -3.24 -6.91
CA ALA D 89 -17.33 -2.41 -6.69
C ALA D 89 -17.29 -1.22 -7.65
N LEU D 90 -18.46 -0.82 -8.12
CA LEU D 90 -18.56 0.28 -9.06
C LEU D 90 -19.70 1.19 -8.64
N LEU D 91 -19.43 2.50 -8.66
CA LEU D 91 -20.46 3.51 -8.52
C LEU D 91 -20.71 4.12 -9.90
N LEU D 92 -21.97 4.10 -10.35
CA LEU D 92 -22.36 4.45 -11.70
C LEU D 92 -23.46 5.50 -11.67
N GLU D 93 -23.47 6.35 -12.68
CA GLU D 93 -24.46 7.42 -12.83
C GLU D 93 -25.19 7.25 -14.15
N ARG D 94 -26.49 7.55 -14.16
CA ARG D 94 -27.32 7.35 -15.34
C ARG D 94 -27.75 8.66 -15.94
N GLN E 3 -8.07 -7.27 19.86
CA GLN E 3 -6.80 -6.80 19.29
C GLN E 3 -6.97 -5.38 18.77
N SER E 4 -6.17 -4.44 19.30
CA SER E 4 -6.27 -3.02 18.97
C SER E 4 -5.45 -2.62 17.75
N GLU E 5 -4.25 -3.13 17.62
CA GLU E 5 -3.47 -2.94 16.41
C GLU E 5 -3.76 -4.09 15.46
N THR E 6 -3.43 -3.89 14.18
CA THR E 6 -3.37 -4.96 13.19
C THR E 6 -2.09 -4.76 12.40
N SER E 7 -1.37 -5.86 12.11
CA SER E 7 -0.09 -5.85 11.41
C SER E 7 -0.28 -6.26 9.97
N VAL E 8 0.31 -5.49 9.05
CA VAL E 8 0.03 -5.67 7.64
C VAL E 8 1.35 -5.73 6.89
N GLU F 5 -1.77 -13.36 13.94
CA GLU F 5 -0.63 -12.58 14.43
C GLU F 5 -1.02 -11.48 15.43
N THR F 6 -0.39 -11.51 16.61
CA THR F 6 -0.73 -10.62 17.72
C THR F 6 0.43 -9.71 18.12
N SER F 7 0.10 -8.44 18.36
CA SER F 7 1.06 -7.44 18.80
C SER F 7 1.05 -7.32 20.31
N VAL F 8 2.22 -7.02 20.87
CA VAL F 8 2.44 -7.40 22.24
C VAL F 8 3.44 -6.28 22.76
N SER G 4 20.05 13.49 -24.24
CA SER G 4 18.84 14.29 -24.07
C SER G 4 17.78 13.56 -23.25
N GLU G 5 17.64 12.27 -23.50
CA GLU G 5 16.63 11.47 -22.84
C GLU G 5 17.29 10.30 -22.13
N THR G 6 16.75 9.95 -20.97
CA THR G 6 17.23 8.82 -20.16
C THR G 6 16.06 7.92 -19.80
N SER G 7 16.18 6.64 -20.14
CA SER G 7 15.16 5.66 -19.84
C SER G 7 15.23 5.23 -18.38
N VAL G 8 14.16 5.49 -17.64
CA VAL G 8 14.04 5.07 -16.25
C VAL G 8 15.07 5.87 -15.45
N GLN H 3 -7.73 2.30 -30.81
CA GLN H 3 -8.00 1.49 -29.63
C GLN H 3 -8.78 2.29 -28.58
N SER H 4 -9.98 2.74 -28.95
CA SER H 4 -10.72 3.66 -28.10
C SER H 4 -11.22 3.01 -26.81
N GLU H 5 -11.54 1.71 -26.86
CA GLU H 5 -12.14 1.03 -25.72
C GLU H 5 -11.09 0.16 -25.03
N THR H 6 -11.51 -0.44 -23.91
CA THR H 6 -10.73 -1.49 -23.26
C THR H 6 -11.72 -2.46 -22.61
N SER H 7 -11.78 -3.68 -23.11
CA SER H 7 -12.66 -4.69 -22.52
C SER H 7 -12.02 -5.24 -21.27
N VAL H 8 -12.63 -4.98 -20.11
CA VAL H 8 -12.11 -5.43 -18.83
C VAL H 8 -12.93 -6.61 -18.31
C1 EDO I . 6.87 -24.47 20.85
O1 EDO I . 7.93 -24.97 20.03
C2 EDO I . 7.09 -22.99 21.10
O2 EDO I . 6.05 -22.47 21.95
H11 EDO I . 5.91 -24.63 20.35
H12 EDO I . 6.85 -25.02 21.80
HO1 EDO I . 7.89 -25.94 20.00
H21 EDO I . 8.06 -22.84 21.58
H22 EDO I . 7.10 -22.46 20.15
HO2 EDO I . 6.26 -21.55 22.18
C1 EDO J . 15.97 5.10 15.72
O1 EDO J . 16.04 5.07 14.29
C2 EDO J . 15.19 6.34 16.16
O2 EDO J . 14.10 6.52 15.23
H11 EDO J . 15.48 4.20 16.09
H12 EDO J . 16.98 5.13 16.15
HO1 EDO J . 16.53 4.29 14.01
H21 EDO J . 14.79 6.20 17.16
H22 EDO J . 15.83 7.21 16.16
HO2 EDO J . 13.62 7.34 15.46
C1 EDO K . -0.24 -5.93 -23.22
O1 EDO K . 0.55 -5.37 -24.27
C2 EDO K . -1.27 -4.88 -22.79
O2 EDO K . -0.77 -4.02 -21.76
H11 EDO K . 0.39 -6.20 -22.38
H12 EDO K . -0.75 -6.83 -23.58
HO1 EDO K . 1.12 -6.06 -24.64
H21 EDO K . -1.55 -4.28 -23.65
H22 EDO K . -2.17 -5.40 -22.43
HO2 EDO K . -1.44 -3.37 -21.53
C1 EDO L . 4.89 -3.99 -29.09
O1 EDO L . 4.29 -3.40 -30.25
C2 EDO L . 4.12 -3.59 -27.84
O2 EDO L . 2.80 -4.12 -27.96
H11 EDO L . 4.89 -5.07 -29.19
H12 EDO L . 5.93 -3.66 -29.00
HO1 EDO L . 4.80 -3.64 -31.03
H21 EDO L . 4.62 -3.98 -26.95
H22 EDO L . 4.09 -2.50 -27.76
HO2 EDO L . 2.26 -3.81 -27.21
C1 EDO M . 3.70 -0.63 -11.09
O1 EDO M . 2.67 -1.11 -11.98
C2 EDO M . 3.23 -0.57 -9.64
O2 EDO M . 2.14 0.35 -9.52
H11 EDO M . 4.57 -1.28 -11.17
H12 EDO M . 4.01 0.37 -11.41
HO1 EDO M . 3.03 -1.20 -12.87
H21 EDO M . 2.92 -1.56 -9.31
H22 EDO M . 4.06 -0.23 -9.00
HO2 EDO M . 1.89 0.44 -8.59
C1 EDO N . -18.45 1.13 -5.04
O1 EDO N . -19.85 1.40 -5.14
C2 EDO N . -17.71 2.45 -4.91
O2 EDO N . -16.47 2.31 -5.62
H11 EDO N . -18.24 0.50 -4.18
H12 EDO N . -18.11 0.60 -5.93
HO1 EDO N . -20.33 0.57 -5.25
H21 EDO N . -18.29 3.26 -5.33
H22 EDO N . -17.52 2.67 -3.86
HO2 EDO N . -16.02 3.16 -5.65
C1 EDO O . 9.95 12.71 -27.00
O1 EDO O . 11.07 11.90 -27.36
C2 EDO O . 10.33 14.19 -27.05
O2 EDO O . 9.26 14.96 -27.62
H11 EDO O . 9.61 12.45 -25.99
H12 EDO O . 9.12 12.52 -27.70
HO1 EDO O . 10.83 10.97 -27.32
H21 EDO O . 10.54 14.55 -26.04
H22 EDO O . 11.23 14.32 -27.64
HO2 EDO O . 9.50 15.89 -27.62
#